data_1V7L
#
_entry.id   1V7L
#
_cell.length_a   95.208
_cell.length_b   95.208
_cell.length_c   152.258
_cell.angle_alpha   90.00
_cell.angle_beta   90.00
_cell.angle_gamma   120.00
#
_symmetry.space_group_name_H-M   'P 62 2 2'
#
loop_
_entity.id
_entity.type
_entity.pdbx_description
1 polymer '3-isopropylmalate dehydratase small subunit'
2 water water
#
_entity_poly.entity_id   1
_entity_poly.type   'polypeptide(L)'
_entity_poly.pdbx_seq_one_letter_code
;MITTGKVWKFGDDISTDEITPGRYNLTKDPKELAKIAFIEVRPDFARNVRPGDVVVAGKNFGIGSSRESAALALKALGIA
GVIAESFGRIFYRNAINIGIPLLLGKTEGLKDGDLVTVNWETGEVRKGDEILMFEPLEDFLLEIVREGGILEYIRRRGDL
CIR
;
_entity_poly.pdbx_strand_id   A,B
#
# COMPACT_ATOMS: atom_id res chain seq x y z
N MET A 1 -12.88 -0.68 17.27
CA MET A 1 -11.71 -0.01 16.65
C MET A 1 -10.80 -1.04 16.03
N ILE A 2 -11.20 -1.57 14.87
CA ILE A 2 -10.43 -2.58 14.18
C ILE A 2 -10.15 -2.05 12.77
N THR A 3 -8.90 -2.14 12.36
CA THR A 3 -8.49 -1.63 11.05
C THR A 3 -7.58 -2.64 10.40
N THR A 4 -7.47 -2.56 9.07
CA THR A 4 -6.61 -3.46 8.32
C THR A 4 -5.83 -2.58 7.36
N GLY A 5 -4.52 -2.79 7.29
CA GLY A 5 -3.72 -2.00 6.38
C GLY A 5 -2.29 -2.51 6.38
N LYS A 6 -1.44 -1.74 5.73
CA LYS A 6 -0.05 -2.09 5.60
C LYS A 6 0.82 -1.39 6.61
N VAL A 7 1.85 -2.10 7.05
CA VAL A 7 2.82 -1.57 7.98
C VAL A 7 3.86 -0.71 7.27
N TRP A 8 4.13 0.47 7.81
CA TRP A 8 5.17 1.35 7.32
C TRP A 8 6.07 1.33 8.55
N LYS A 9 7.20 0.66 8.45
CA LYS A 9 8.08 0.50 9.59
C LYS A 9 9.17 1.56 9.65
N PHE A 10 9.42 2.08 10.85
CA PHE A 10 10.46 3.07 11.08
C PHE A 10 11.30 2.58 12.25
N GLY A 11 12.45 3.20 12.46
CA GLY A 11 13.33 2.78 13.54
C GLY A 11 13.13 3.50 14.86
N ASP A 12 14.22 3.68 15.60
CA ASP A 12 14.20 4.35 16.90
C ASP A 12 14.34 5.85 16.80
N ASP A 13 13.90 6.52 17.85
CA ASP A 13 13.99 7.96 17.97
C ASP A 13 13.46 8.78 16.80
N ILE A 14 12.34 8.36 16.22
CA ILE A 14 11.78 9.15 15.13
C ILE A 14 11.31 10.46 15.74
N SER A 15 11.81 11.58 15.24
CA SER A 15 11.39 12.87 15.79
C SER A 15 10.13 13.39 15.10
N THR A 16 9.42 14.29 15.76
CA THR A 16 8.23 14.85 15.14
C THR A 16 8.69 15.66 13.94
N ASP A 17 9.89 16.20 14.04
CA ASP A 17 10.46 17.00 12.97
C ASP A 17 10.66 16.16 11.69
N GLU A 18 10.92 14.85 11.85
CA GLU A 18 11.08 13.96 10.70
C GLU A 18 9.68 13.65 10.13
N ILE A 19 8.69 13.53 11.01
CA ILE A 19 7.33 13.25 10.57
C ILE A 19 6.81 14.47 9.79
N THR A 20 6.92 15.65 10.37
CA THR A 20 6.50 16.87 9.68
C THR A 20 7.56 17.92 9.91
N PRO A 21 8.40 18.18 8.89
CA PRO A 21 9.44 19.19 9.05
C PRO A 21 8.85 20.50 9.58
N GLY A 22 9.63 21.19 10.41
CA GLY A 22 9.19 22.44 11.01
C GLY A 22 8.79 23.53 10.04
N ARG A 23 9.11 23.37 8.77
CA ARG A 23 8.74 24.38 7.80
C ARG A 23 7.34 24.12 7.25
N TYR A 24 6.52 23.29 7.92
CA TYR A 24 5.19 22.96 7.41
C TYR A 24 3.96 23.14 8.29
N ASN A 25 4.14 23.46 9.57
CA ASN A 25 3.01 23.60 10.47
C ASN A 25 2.08 24.79 10.19
N LEU A 26 2.61 25.87 9.62
CA LEU A 26 1.78 27.03 9.34
C LEU A 26 0.69 26.72 8.33
N THR A 27 -0.38 26.13 8.83
CA THR A 27 -1.54 25.75 8.01
C THR A 27 -2.67 25.24 8.89
N LYS A 28 -3.91 25.58 8.53
CA LYS A 28 -5.05 25.10 9.30
C LYS A 28 -5.74 24.06 8.41
N ASP A 29 -4.91 23.39 7.61
CA ASP A 29 -5.38 22.36 6.70
C ASP A 29 -4.54 21.09 6.91
N PRO A 30 -5.07 20.16 7.72
CA PRO A 30 -4.37 18.90 8.00
C PRO A 30 -4.00 18.17 6.71
N LYS A 31 -4.83 18.33 5.68
CA LYS A 31 -4.58 17.69 4.39
C LYS A 31 -3.22 18.14 3.85
N GLU A 32 -2.86 19.39 4.09
CA GLU A 32 -1.58 19.88 3.61
C GLU A 32 -0.46 19.20 4.34
N LEU A 33 -0.64 18.97 5.64
CA LEU A 33 0.35 18.28 6.45
C LEU A 33 0.50 16.85 5.96
N ALA A 34 -0.64 16.22 5.67
CA ALA A 34 -0.66 14.85 5.19
C ALA A 34 0.27 14.67 4.00
N LYS A 35 0.31 15.66 3.13
CA LYS A 35 1.14 15.61 1.93
C LYS A 35 2.63 15.59 2.17
N ILE A 36 3.07 16.12 3.30
CA ILE A 36 4.50 16.18 3.58
C ILE A 36 4.99 15.28 4.71
N ALA A 37 4.12 14.38 5.17
CA ALA A 37 4.49 13.46 6.25
C ALA A 37 5.70 12.60 5.85
N PHE A 38 6.75 12.63 6.67
CA PHE A 38 7.97 11.86 6.44
C PHE A 38 8.58 12.16 5.08
N ILE A 39 8.26 13.32 4.53
CA ILE A 39 8.72 13.71 3.20
C ILE A 39 10.23 13.58 2.96
N GLU A 40 11.05 13.92 3.95
CA GLU A 40 12.50 13.83 3.76
C GLU A 40 13.16 12.52 4.09
N VAL A 41 12.54 11.70 4.93
CA VAL A 41 13.13 10.41 5.30
C VAL A 41 12.56 9.26 4.47
N ARG A 42 11.31 9.39 4.02
CA ARG A 42 10.70 8.36 3.22
C ARG A 42 9.69 9.03 2.33
N PRO A 43 10.18 9.62 1.23
CA PRO A 43 9.35 10.33 0.25
C PRO A 43 8.14 9.63 -0.34
N ASP A 44 8.13 8.30 -0.37
CA ASP A 44 6.95 7.64 -0.96
C ASP A 44 5.84 7.42 0.06
N PHE A 45 6.12 7.67 1.34
CA PHE A 45 5.12 7.45 2.36
C PHE A 45 3.79 8.25 2.17
N ALA A 46 3.85 9.58 2.13
CA ALA A 46 2.64 10.38 2.02
C ALA A 46 1.70 10.04 0.87
N ARG A 47 2.28 9.80 -0.32
CA ARG A 47 1.49 9.48 -1.50
C ARG A 47 1.00 8.04 -1.54
N ASN A 48 1.77 7.13 -0.97
CA ASN A 48 1.38 5.72 -1.02
C ASN A 48 0.57 5.17 0.15
N VAL A 49 0.60 5.87 1.27
CA VAL A 49 -0.16 5.43 2.43
C VAL A 49 -1.65 5.44 2.10
N ARG A 50 -2.37 4.46 2.62
CA ARG A 50 -3.82 4.38 2.45
C ARG A 50 -4.45 4.32 3.83
N PRO A 51 -5.67 4.88 3.97
CA PRO A 51 -6.31 4.82 5.29
C PRO A 51 -6.30 3.38 5.78
N GLY A 52 -6.00 3.19 7.06
CA GLY A 52 -5.97 1.84 7.61
C GLY A 52 -4.53 1.36 7.78
N ASP A 53 -3.59 1.97 7.03
CA ASP A 53 -2.19 1.59 7.17
C ASP A 53 -1.75 1.97 8.58
N VAL A 54 -0.68 1.34 9.05
CA VAL A 54 -0.18 1.60 10.38
C VAL A 54 1.29 1.98 10.39
N VAL A 55 1.63 2.93 11.23
CA VAL A 55 3.01 3.34 11.40
C VAL A 55 3.52 2.47 12.55
N VAL A 56 4.59 1.74 12.30
CA VAL A 56 5.19 0.88 13.32
C VAL A 56 6.61 1.39 13.49
N ALA A 57 7.04 1.54 14.74
CA ALA A 57 8.38 2.05 14.98
C ALA A 57 9.01 1.39 16.18
N GLY A 58 10.26 1.76 16.42
CA GLY A 58 11.01 1.22 17.53
C GLY A 58 10.80 2.06 18.77
N LYS A 59 11.87 2.35 19.50
CA LYS A 59 11.68 3.13 20.71
C LYS A 59 11.61 4.63 20.45
N ASN A 60 11.06 5.32 21.44
CA ASN A 60 10.95 6.77 21.43
C ASN A 60 10.36 7.36 20.18
N PHE A 61 9.23 6.81 19.75
CA PHE A 61 8.62 7.36 18.57
C PHE A 61 7.98 8.70 18.91
N GLY A 62 8.32 9.71 18.14
CA GLY A 62 7.73 11.01 18.32
C GLY A 62 8.41 11.95 19.29
N ILE A 63 9.71 11.78 19.50
CA ILE A 63 10.41 12.69 20.40
C ILE A 63 10.68 14.00 19.65
N GLY A 64 11.29 14.96 20.33
CA GLY A 64 11.61 16.23 19.72
C GLY A 64 10.54 17.30 19.94
N SER A 65 10.31 18.13 18.93
CA SER A 65 9.32 19.21 19.02
C SER A 65 7.96 18.74 19.53
N SER A 66 7.32 19.62 20.29
CA SER A 66 6.01 19.36 20.87
C SER A 66 4.87 19.69 19.93
N ARG A 67 5.19 20.18 18.73
CA ARG A 67 4.15 20.54 17.77
C ARG A 67 3.17 19.39 17.48
N GLU A 68 1.89 19.71 17.34
CA GLU A 68 0.86 18.69 17.05
C GLU A 68 0.82 18.27 15.58
N SER A 69 1.45 19.03 14.71
CA SER A 69 1.43 18.73 13.29
C SER A 69 1.77 17.29 12.96
N ALA A 70 2.69 16.67 13.70
CA ALA A 70 3.05 15.28 13.40
C ALA A 70 1.81 14.38 13.51
N ALA A 71 1.15 14.42 14.67
CA ALA A 71 -0.05 13.62 14.85
C ALA A 71 -1.14 14.02 13.87
N LEU A 72 -1.25 15.32 13.58
CA LEU A 72 -2.26 15.82 12.65
C LEU A 72 -2.07 15.26 11.26
N ALA A 73 -0.81 15.17 10.85
CA ALA A 73 -0.49 14.65 9.54
C ALA A 73 -0.86 13.17 9.40
N LEU A 74 -0.54 12.40 10.43
CA LEU A 74 -0.82 10.97 10.41
C LEU A 74 -2.33 10.73 10.37
N LYS A 75 -3.06 11.44 11.23
CA LYS A 75 -4.50 11.29 11.24
C LYS A 75 -5.12 11.71 9.91
N ALA A 76 -4.60 12.77 9.30
CA ALA A 76 -5.13 13.27 8.02
C ALA A 76 -4.95 12.25 6.90
N LEU A 77 -3.86 11.50 6.99
CA LEU A 77 -3.54 10.47 6.01
C LEU A 77 -4.42 9.24 6.22
N GLY A 78 -5.12 9.17 7.34
CA GLY A 78 -5.95 8.00 7.57
C GLY A 78 -5.15 6.89 8.23
N ILE A 79 -3.95 7.20 8.73
CA ILE A 79 -3.16 6.17 9.41
C ILE A 79 -4.00 5.63 10.57
N ALA A 80 -4.16 4.31 10.63
CA ALA A 80 -4.99 3.69 11.68
C ALA A 80 -4.48 3.98 13.09
N GLY A 81 -3.17 4.09 13.22
CA GLY A 81 -2.58 4.33 14.51
C GLY A 81 -1.09 4.09 14.44
N VAL A 82 -0.44 4.15 15.60
CA VAL A 82 0.98 3.93 15.68
C VAL A 82 1.31 2.85 16.70
N ILE A 83 2.14 1.91 16.29
CA ILE A 83 2.55 0.84 17.18
C ILE A 83 4.05 1.05 17.37
N ALA A 84 4.48 1.24 18.61
CA ALA A 84 5.90 1.48 18.86
C ALA A 84 6.34 0.84 20.16
N GLU A 85 7.65 0.71 20.33
CA GLU A 85 8.16 0.12 21.57
C GLU A 85 8.01 1.11 22.70
N SER A 86 8.06 2.40 22.39
CA SER A 86 7.89 3.48 23.37
C SER A 86 7.63 4.76 22.60
N PHE A 87 6.99 5.71 23.27
CA PHE A 87 6.64 6.99 22.66
C PHE A 87 7.22 8.19 23.38
N GLY A 88 7.48 9.25 22.64
CA GLY A 88 7.93 10.46 23.28
C GLY A 88 6.68 10.86 24.06
N ARG A 89 6.86 11.35 25.28
CA ARG A 89 5.75 11.75 26.17
C ARG A 89 4.76 12.74 25.54
N ILE A 90 5.30 13.76 24.89
CA ILE A 90 4.48 14.79 24.27
C ILE A 90 3.73 14.25 23.05
N PHE A 91 4.39 13.38 22.28
CA PHE A 91 3.71 12.86 21.11
C PHE A 91 2.53 12.00 21.55
N TYR A 92 2.72 11.23 22.61
CA TYR A 92 1.68 10.38 23.15
C TYR A 92 0.47 11.26 23.48
N ARG A 93 0.73 12.32 24.22
CA ARG A 93 -0.32 13.26 24.60
C ARG A 93 -0.97 13.84 23.35
N ASN A 94 -0.17 14.30 22.39
CA ASN A 94 -0.70 14.86 21.16
C ASN A 94 -1.51 13.86 20.36
N ALA A 95 -1.06 12.61 20.35
CA ALA A 95 -1.74 11.55 19.62
C ALA A 95 -3.17 11.39 20.13
N ILE A 96 -3.29 11.34 21.46
CA ILE A 96 -4.58 11.21 22.11
C ILE A 96 -5.47 12.42 21.80
N ASN A 97 -4.93 13.61 22.04
CA ASN A 97 -5.67 14.84 21.84
C ASN A 97 -6.11 15.07 20.41
N ILE A 98 -5.28 14.63 19.47
CA ILE A 98 -5.60 14.75 18.07
C ILE A 98 -6.57 13.66 17.67
N GLY A 99 -6.43 12.50 18.27
CA GLY A 99 -7.34 11.40 17.96
C GLY A 99 -6.73 10.24 17.17
N ILE A 100 -5.58 9.73 17.61
CA ILE A 100 -4.94 8.59 16.96
C ILE A 100 -4.60 7.56 18.01
N PRO A 101 -5.07 6.31 17.83
CA PRO A 101 -4.79 5.27 18.82
C PRO A 101 -3.35 4.79 18.76
N LEU A 102 -2.87 4.27 19.87
CA LEU A 102 -1.49 3.82 19.97
C LEU A 102 -1.37 2.47 20.63
N LEU A 103 -0.38 1.71 20.20
CA LEU A 103 -0.11 0.41 20.80
C LEU A 103 1.33 0.39 21.25
N LEU A 104 1.58 -0.25 22.39
CA LEU A 104 2.92 -0.32 22.96
C LEU A 104 3.43 -1.76 23.04
N GLY A 105 4.63 -2.00 22.54
CA GLY A 105 5.19 -3.34 22.60
C GLY A 105 6.33 -3.55 21.62
N LYS A 106 6.96 -4.72 21.69
CA LYS A 106 8.08 -5.04 20.81
C LYS A 106 7.60 -5.07 19.36
N THR A 107 8.35 -4.43 18.48
CA THR A 107 7.95 -4.36 17.09
C THR A 107 8.85 -5.05 16.09
N GLU A 108 9.90 -5.72 16.55
CA GLU A 108 10.81 -6.42 15.64
C GLU A 108 10.04 -7.38 14.73
N GLY A 109 8.92 -7.88 15.24
CA GLY A 109 8.11 -8.82 14.49
C GLY A 109 7.30 -8.26 13.33
N LEU A 110 7.17 -6.93 13.27
CA LEU A 110 6.43 -6.30 12.19
C LEU A 110 7.41 -5.68 11.22
N LYS A 111 7.26 -6.01 9.93
CA LYS A 111 8.14 -5.51 8.88
C LYS A 111 7.40 -4.61 7.91
N ASP A 112 8.14 -3.72 7.29
CA ASP A 112 7.57 -2.80 6.33
C ASP A 112 6.83 -3.63 5.27
N GLY A 113 5.62 -3.21 4.92
CA GLY A 113 4.88 -3.96 3.92
C GLY A 113 3.99 -5.06 4.47
N ASP A 114 4.15 -5.42 5.74
CA ASP A 114 3.31 -6.46 6.31
C ASP A 114 1.86 -5.99 6.35
N LEU A 115 0.93 -6.90 6.06
CA LEU A 115 -0.50 -6.58 6.12
C LEU A 115 -0.95 -6.97 7.53
N VAL A 116 -1.59 -6.05 8.25
CA VAL A 116 -2.05 -6.35 9.61
C VAL A 116 -3.47 -5.87 9.88
N THR A 117 -4.17 -6.62 10.72
CA THR A 117 -5.52 -6.24 11.15
C THR A 117 -5.28 -5.95 12.63
N VAL A 118 -5.57 -4.71 13.02
CA VAL A 118 -5.30 -4.28 14.38
C VAL A 118 -6.53 -3.95 15.19
N ASN A 119 -6.60 -4.50 16.41
CA ASN A 119 -7.71 -4.16 17.29
C ASN A 119 -7.09 -3.18 18.27
N TRP A 120 -7.35 -1.89 18.07
CA TRP A 120 -6.77 -0.86 18.92
C TRP A 120 -7.24 -0.91 20.39
N GLU A 121 -8.38 -1.55 20.63
CA GLU A 121 -8.88 -1.65 22.00
C GLU A 121 -8.20 -2.75 22.78
N THR A 122 -7.96 -3.89 22.16
CA THR A 122 -7.34 -5.01 22.87
C THR A 122 -5.82 -5.11 22.68
N GLY A 123 -5.29 -4.46 21.66
CA GLY A 123 -3.86 -4.55 21.44
C GLY A 123 -3.51 -5.76 20.60
N GLU A 124 -4.55 -6.46 20.13
CA GLU A 124 -4.31 -7.65 19.30
C GLU A 124 -4.03 -7.30 17.84
N VAL A 125 -2.85 -7.71 17.37
CA VAL A 125 -2.45 -7.45 15.99
C VAL A 125 -2.37 -8.79 15.26
N ARG A 126 -3.14 -8.92 14.19
CA ARG A 126 -3.14 -10.13 13.40
C ARG A 126 -2.35 -9.93 12.11
N LYS A 127 -1.29 -10.70 11.97
CA LYS A 127 -0.45 -10.64 10.78
C LYS A 127 -0.54 -12.05 10.19
N GLY A 128 -1.30 -12.19 9.11
CA GLY A 128 -1.47 -13.51 8.52
C GLY A 128 -2.26 -14.29 9.53
N ASP A 129 -1.80 -15.49 9.89
CA ASP A 129 -2.52 -16.27 10.90
C ASP A 129 -1.75 -16.22 12.22
N GLU A 130 -0.86 -15.24 12.31
CA GLU A 130 -0.03 -15.03 13.50
C GLU A 130 -0.67 -13.93 14.33
N ILE A 131 -0.57 -14.05 15.64
CA ILE A 131 -1.15 -13.06 16.53
C ILE A 131 -0.11 -12.42 17.45
N LEU A 132 0.01 -11.10 17.35
CA LEU A 132 0.95 -10.35 18.19
C LEU A 132 0.13 -9.50 19.15
N MET A 133 0.56 -9.47 20.41
CA MET A 133 -0.16 -8.70 21.42
C MET A 133 0.63 -7.48 21.87
N PHE A 134 -0.06 -6.35 21.97
CA PHE A 134 0.56 -5.10 22.41
C PHE A 134 -0.33 -4.48 23.47
N GLU A 135 0.23 -3.57 24.24
CA GLU A 135 -0.48 -2.86 25.30
C GLU A 135 -1.28 -1.71 24.66
N PRO A 136 -2.62 -1.75 24.78
CA PRO A 136 -3.43 -0.69 24.19
C PRO A 136 -3.64 0.46 25.15
N LEU A 137 -4.22 1.55 24.64
CA LEU A 137 -4.51 2.71 25.48
C LEU A 137 -5.65 2.25 26.39
N GLU A 138 -5.76 2.82 27.58
CA GLU A 138 -6.85 2.42 28.46
C GLU A 138 -8.15 2.99 27.91
N ASP A 139 -9.26 2.38 28.31
CA ASP A 139 -10.57 2.81 27.83
C ASP A 139 -10.87 4.31 27.78
N PHE A 140 -10.51 5.05 28.81
CA PHE A 140 -10.76 6.49 28.84
C PHE A 140 -10.06 7.18 27.66
N LEU A 141 -8.80 6.85 27.45
CA LEU A 141 -8.06 7.45 26.35
C LEU A 141 -8.61 7.01 25.00
N LEU A 142 -8.98 5.74 24.88
CA LEU A 142 -9.52 5.24 23.64
C LEU A 142 -10.83 5.92 23.34
N GLU A 143 -11.57 6.33 24.39
CA GLU A 143 -12.83 7.00 24.15
C GLU A 143 -12.55 8.37 23.53
N ILE A 144 -11.53 9.05 24.03
CA ILE A 144 -11.19 10.37 23.48
C ILE A 144 -10.82 10.21 22.00
N VAL A 145 -10.06 9.17 21.70
CA VAL A 145 -9.62 8.90 20.33
C VAL A 145 -10.82 8.55 19.48
N ARG A 146 -11.63 7.63 19.99
CA ARG A 146 -12.81 7.19 19.31
C ARG A 146 -13.73 8.36 18.96
N GLU A 147 -13.82 9.33 19.85
CA GLU A 147 -14.67 10.48 19.57
C GLU A 147 -14.04 11.52 18.66
N GLY A 148 -12.77 11.31 18.28
CA GLY A 148 -12.12 12.24 17.38
C GLY A 148 -11.15 13.23 17.98
N GLY A 149 -10.70 12.95 19.20
CA GLY A 149 -9.77 13.84 19.84
C GLY A 149 -10.40 14.53 21.03
N ILE A 150 -9.58 15.19 21.82
CA ILE A 150 -10.07 15.86 23.03
C ILE A 150 -11.10 16.97 22.79
N LEU A 151 -10.97 17.72 21.70
CA LEU A 151 -11.93 18.79 21.45
C LEU A 151 -13.31 18.22 21.16
N GLU A 152 -13.41 17.26 20.24
CA GLU A 152 -14.69 16.66 19.93
C GLU A 152 -15.22 15.91 21.14
N TYR A 153 -14.32 15.32 21.91
CA TYR A 153 -14.70 14.58 23.11
C TYR A 153 -15.40 15.50 24.10
N ILE A 154 -14.78 16.65 24.31
CA ILE A 154 -15.28 17.66 25.22
C ILE A 154 -16.62 18.22 24.76
N ARG A 155 -16.72 18.51 23.48
CA ARG A 155 -17.95 19.05 22.92
C ARG A 155 -19.14 18.12 23.15
N ARG A 156 -18.91 16.81 22.99
CA ARG A 156 -19.96 15.82 23.16
C ARG A 156 -20.23 15.46 24.62
N ARG A 157 -19.25 15.65 25.48
CA ARG A 157 -19.43 15.31 26.89
C ARG A 157 -19.45 16.56 27.76
N GLY A 158 -20.39 17.46 27.44
CA GLY A 158 -20.58 18.70 28.18
C GLY A 158 -19.37 19.36 28.81
N ASP A 159 -19.34 19.41 30.14
CA ASP A 159 -18.24 20.00 30.90
C ASP A 159 -17.80 21.35 30.37
N LEU A 160 -18.66 22.00 29.58
CA LEU A 160 -18.29 23.27 29.00
C LEU A 160 -18.45 24.41 30.01
N CYS A 161 -18.00 24.19 31.24
CA CYS A 161 -18.10 25.19 32.30
C CYS A 161 -16.84 25.33 33.16
N ILE A 162 -16.19 26.49 33.08
CA ILE A 162 -14.98 26.74 33.86
C ILE A 162 -15.32 27.25 35.26
N MET B 1 10.42 -12.38 -5.14
CA MET B 1 9.76 -11.05 -5.16
C MET B 1 8.43 -11.11 -4.44
N ILE B 2 8.31 -10.35 -3.37
CA ILE B 2 7.08 -10.32 -2.59
C ILE B 2 6.58 -8.90 -2.52
N THR B 3 5.29 -8.71 -2.80
CA THR B 3 4.72 -7.38 -2.77
C THR B 3 3.44 -7.39 -1.94
N THR B 4 3.07 -6.21 -1.46
CA THR B 4 1.87 -6.04 -0.66
C THR B 4 1.08 -4.96 -1.36
N GLY B 5 -0.21 -5.20 -1.58
CA GLY B 5 -0.97 -4.18 -2.25
C GLY B 5 -2.45 -4.47 -2.29
N LYS B 6 -3.17 -3.57 -2.95
CA LYS B 6 -4.60 -3.71 -3.07
C LYS B 6 -4.97 -4.40 -4.36
N VAL B 7 -6.02 -5.22 -4.25
CA VAL B 7 -6.54 -5.94 -5.37
C VAL B 7 -7.48 -5.06 -6.18
N TRP B 8 -7.22 -5.00 -7.49
CA TRP B 8 -8.09 -4.33 -8.44
C TRP B 8 -8.61 -5.53 -9.22
N LYS B 9 -9.88 -5.87 -8.97
CA LYS B 9 -10.52 -7.06 -9.54
C LYS B 9 -11.35 -6.81 -10.78
N PHE B 10 -11.14 -7.67 -11.78
CA PHE B 10 -11.84 -7.57 -13.04
C PHE B 10 -12.49 -8.88 -13.38
N GLY B 11 -13.45 -8.85 -14.30
CA GLY B 11 -14.15 -10.07 -14.70
C GLY B 11 -13.43 -10.82 -15.81
N ASP B 12 -14.20 -11.53 -16.63
CA ASP B 12 -13.63 -12.30 -17.73
C ASP B 12 -13.51 -11.51 -19.02
N ASP B 13 -12.66 -12.02 -19.91
CA ASP B 13 -12.46 -11.44 -21.22
C ASP B 13 -12.07 -9.99 -21.29
N ILE B 14 -11.26 -9.54 -20.35
CA ILE B 14 -10.82 -8.16 -20.38
C ILE B 14 -9.93 -8.08 -21.62
N SER B 15 -10.26 -7.17 -22.53
CA SER B 15 -9.48 -7.04 -23.75
C SER B 15 -8.34 -6.07 -23.52
N THR B 16 -7.28 -6.18 -24.31
CA THR B 16 -6.16 -5.27 -24.17
C THR B 16 -6.65 -3.87 -24.51
N ASP B 17 -7.69 -3.79 -25.33
CA ASP B 17 -8.25 -2.50 -25.71
C ASP B 17 -8.85 -1.81 -24.49
N GLU B 18 -9.33 -2.61 -23.54
CA GLU B 18 -9.91 -2.09 -22.31
C GLU B 18 -8.80 -1.65 -21.36
N ILE B 19 -7.62 -2.24 -21.50
CA ILE B 19 -6.50 -1.87 -20.63
C ILE B 19 -5.98 -0.49 -21.05
N THR B 20 -5.78 -0.29 -22.35
CA THR B 20 -5.33 0.99 -22.85
C THR B 20 -6.21 1.32 -24.04
N PRO B 21 -7.40 1.86 -23.79
CA PRO B 21 -8.37 2.23 -24.82
C PRO B 21 -8.00 3.49 -25.58
N GLY B 22 -8.31 4.62 -24.96
CA GLY B 22 -8.04 5.91 -25.57
C GLY B 22 -6.81 6.68 -25.09
N ARG B 23 -5.74 6.61 -25.90
CA ARG B 23 -4.47 7.33 -25.70
C ARG B 23 -3.40 6.76 -26.63
N TYR B 24 -3.85 5.38 -26.22
CA TYR B 24 -3.11 4.28 -26.81
C TYR B 24 -2.80 4.12 -28.30
N ASN B 25 -3.46 4.80 -29.20
CA ASN B 25 -2.90 4.46 -30.40
C ASN B 25 -1.42 4.76 -30.29
N LEU B 26 -0.64 3.82 -30.01
CA LEU B 26 0.80 3.68 -29.74
C LEU B 26 1.49 4.83 -29.05
N THR B 27 1.38 5.64 -28.67
CA THR B 27 2.28 6.51 -27.90
C THR B 27 2.90 5.81 -26.68
N LYS B 28 3.92 5.01 -26.94
CA LYS B 28 4.65 4.26 -25.94
C LYS B 28 4.93 4.99 -24.61
N ASP B 29 4.94 6.32 -24.62
CA ASP B 29 5.22 7.10 -23.40
C ASP B 29 4.58 6.50 -22.15
N PRO B 30 5.35 5.73 -21.35
CA PRO B 30 4.88 5.09 -20.13
C PRO B 30 4.11 6.01 -19.19
N LYS B 31 4.55 7.26 -19.11
CA LYS B 31 3.88 8.24 -18.25
C LYS B 31 2.46 8.49 -18.70
N GLU B 32 2.31 8.75 -19.99
CA GLU B 32 1.01 9.02 -20.58
C GLU B 32 0.07 7.82 -20.47
N LEU B 33 0.60 6.64 -20.79
CA LEU B 33 -0.18 5.42 -20.75
C LEU B 33 -0.71 5.17 -19.34
N ALA B 34 0.08 5.52 -18.34
CA ALA B 34 -0.33 5.30 -16.97
C ALA B 34 -1.63 6.05 -16.69
N LYS B 35 -1.78 7.20 -17.34
CA LYS B 35 -2.96 8.04 -17.17
C LYS B 35 -4.28 7.44 -17.67
N ILE B 36 -4.20 6.49 -18.60
CA ILE B 36 -5.43 5.94 -19.13
C ILE B 36 -5.63 4.44 -18.98
N ALA B 37 -4.82 3.79 -18.17
CA ALA B 37 -4.98 2.36 -17.96
C ALA B 37 -6.41 2.13 -17.45
N PHE B 38 -7.14 1.21 -18.11
CA PHE B 38 -8.51 0.88 -17.73
C PHE B 38 -9.40 2.13 -17.63
N ILE B 39 -9.04 3.18 -18.36
CA ILE B 39 -9.78 4.44 -18.29
C ILE B 39 -11.30 4.35 -18.46
N GLU B 40 -11.78 3.42 -19.27
CA GLU B 40 -13.22 3.30 -19.43
C GLU B 40 -13.83 2.21 -18.54
N VAL B 41 -13.25 1.00 -18.53
CA VAL B 41 -13.81 -0.06 -17.71
C VAL B 41 -13.69 0.23 -16.21
N ARG B 42 -12.61 0.89 -15.81
CA ARG B 42 -12.42 1.23 -14.41
C ARG B 42 -11.79 2.60 -14.26
N PRO B 43 -12.58 3.66 -14.48
CA PRO B 43 -12.15 5.05 -14.38
C PRO B 43 -11.45 5.40 -13.07
N ASP B 44 -11.70 4.62 -12.03
CA ASP B 44 -11.09 4.90 -10.74
C ASP B 44 -9.67 4.33 -10.61
N PHE B 45 -9.34 3.39 -11.48
CA PHE B 45 -8.05 2.71 -11.43
C PHE B 45 -6.79 3.55 -11.56
N ALA B 46 -6.64 4.20 -12.71
CA ALA B 46 -5.47 5.01 -13.00
C ALA B 46 -5.01 5.97 -11.89
N ARG B 47 -5.91 6.77 -11.35
CA ARG B 47 -5.47 7.73 -10.33
C ARG B 47 -5.30 7.21 -8.92
N ASN B 48 -5.90 6.05 -8.62
CA ASN B 48 -5.84 5.52 -7.27
C ASN B 48 -4.90 4.33 -7.07
N VAL B 49 -4.44 3.72 -8.15
CA VAL B 49 -3.54 2.58 -8.01
C VAL B 49 -2.23 3.06 -7.41
N ARG B 50 -1.66 2.25 -6.53
CA ARG B 50 -0.37 2.58 -5.92
C ARG B 50 0.57 1.41 -6.19
N PRO B 51 1.89 1.65 -6.19
CA PRO B 51 2.86 0.58 -6.44
C PRO B 51 2.62 -0.58 -5.47
N GLY B 52 2.63 -1.79 -6.00
CA GLY B 52 2.41 -2.94 -5.14
C GLY B 52 0.99 -3.45 -5.31
N ASP B 53 0.10 -2.64 -5.88
CA ASP B 53 -1.28 -3.08 -6.09
C ASP B 53 -1.25 -4.17 -7.15
N VAL B 54 -2.27 -5.02 -7.12
CA VAL B 54 -2.32 -6.13 -8.03
C VAL B 54 -3.60 -6.15 -8.88
N VAL B 55 -3.44 -6.44 -10.15
CA VAL B 55 -4.60 -6.54 -11.04
C VAL B 55 -4.98 -8.02 -10.98
N VAL B 56 -6.22 -8.32 -10.59
CA VAL B 56 -6.71 -9.70 -10.49
C VAL B 56 -7.88 -9.83 -11.44
N ALA B 57 -7.91 -10.90 -12.21
CA ALA B 57 -8.99 -11.04 -13.19
C ALA B 57 -9.50 -12.46 -13.34
N GLY B 58 -10.57 -12.63 -14.11
CA GLY B 58 -11.12 -13.94 -14.34
C GLY B 58 -10.43 -14.61 -15.51
N LYS B 59 -11.22 -15.15 -16.42
CA LYS B 59 -10.69 -15.83 -17.59
C LYS B 59 -10.30 -14.88 -18.71
N ASN B 60 -9.41 -15.37 -19.57
CA ASN B 60 -8.95 -14.63 -20.74
C ASN B 60 -8.56 -13.18 -20.52
N PHE B 61 -7.78 -12.91 -19.49
CA PHE B 61 -7.37 -11.54 -19.28
C PHE B 61 -6.39 -11.09 -20.36
N GLY B 62 -6.70 -9.98 -21.02
CA GLY B 62 -5.80 -9.47 -22.03
C GLY B 62 -5.99 -10.03 -23.42
N ILE B 63 -7.16 -10.55 -23.75
CA ILE B 63 -7.37 -11.06 -25.09
C ILE B 63 -7.46 -9.88 -26.02
N GLY B 64 -7.43 -10.14 -27.32
CA GLY B 64 -7.53 -9.07 -28.29
C GLY B 64 -6.24 -8.68 -29.00
N SER B 65 -6.31 -7.55 -29.69
CA SER B 65 -5.19 -6.99 -30.45
C SER B 65 -3.86 -7.07 -29.71
N SER B 66 -2.80 -7.23 -30.49
CA SER B 66 -1.45 -7.35 -29.93
C SER B 66 -0.80 -6.02 -29.58
N ARG B 67 -1.47 -5.22 -28.76
CA ARG B 67 -0.89 -3.95 -28.38
C ARG B 67 -0.10 -4.05 -27.07
N GLU B 68 1.21 -3.88 -27.15
CA GLU B 68 2.08 -3.98 -25.97
C GLU B 68 1.87 -2.80 -25.04
N SER B 69 1.13 -1.80 -25.48
CA SER B 69 0.86 -0.63 -24.64
C SER B 69 0.14 -1.02 -23.36
N ALA B 70 -0.70 -2.05 -23.42
CA ALA B 70 -1.44 -2.50 -22.23
C ALA B 70 -0.46 -2.87 -21.12
N ALA B 71 0.44 -3.79 -21.41
CA ALA B 71 1.43 -4.20 -20.41
C ALA B 71 2.25 -2.99 -19.94
N LEU B 72 2.60 -2.11 -20.87
CA LEU B 72 3.39 -0.93 -20.54
C LEU B 72 2.68 -0.02 -19.53
N ALA B 73 1.39 0.21 -19.77
CA ALA B 73 0.58 1.05 -18.88
C ALA B 73 0.60 0.49 -17.47
N LEU B 74 0.38 -0.82 -17.33
CA LEU B 74 0.38 -1.44 -16.01
C LEU B 74 1.76 -1.32 -15.37
N LYS B 75 2.81 -1.53 -16.16
CA LYS B 75 4.16 -1.42 -15.63
C LYS B 75 4.41 0.00 -15.16
N ALA B 76 4.00 0.97 -15.97
CA ALA B 76 4.21 2.37 -15.62
C ALA B 76 3.56 2.76 -14.30
N LEU B 77 2.46 2.10 -13.97
CA LEU B 77 1.72 2.39 -12.75
C LEU B 77 2.28 1.70 -11.52
N GLY B 78 3.29 0.86 -11.71
CA GLY B 78 3.89 0.19 -10.57
C GLY B 78 3.09 -1.00 -10.06
N ILE B 79 2.22 -1.53 -10.91
CA ILE B 79 1.43 -2.69 -10.54
C ILE B 79 2.40 -3.83 -10.21
N ALA B 80 2.11 -4.60 -9.18
CA ALA B 80 3.00 -5.70 -8.78
C ALA B 80 3.00 -6.83 -9.80
N GLY B 81 1.85 -7.07 -10.41
CA GLY B 81 1.73 -8.14 -11.37
C GLY B 81 0.26 -8.40 -11.63
N VAL B 82 -0.03 -9.45 -12.39
CA VAL B 82 -1.40 -9.79 -12.73
C VAL B 82 -1.72 -11.22 -12.31
N ILE B 83 -2.87 -11.40 -11.68
CA ILE B 83 -3.34 -12.72 -11.26
C ILE B 83 -4.62 -12.95 -12.05
N ALA B 84 -4.70 -14.07 -12.78
CA ALA B 84 -5.90 -14.34 -13.57
C ALA B 84 -6.14 -15.84 -13.71
N GLU B 85 -7.32 -16.20 -14.17
CA GLU B 85 -7.59 -17.62 -14.36
C GLU B 85 -6.91 -18.09 -15.62
N SER B 86 -6.75 -17.18 -16.57
CA SER B 86 -6.08 -17.50 -17.82
C SER B 86 -5.78 -16.18 -18.49
N PHE B 87 -4.80 -16.18 -19.39
CA PHE B 87 -4.45 -14.95 -20.07
C PHE B 87 -4.53 -15.07 -21.57
N GLY B 88 -4.69 -13.93 -22.22
CA GLY B 88 -4.67 -13.90 -23.66
C GLY B 88 -3.19 -14.16 -23.99
N ARG B 89 -2.96 -15.05 -24.94
CA ARG B 89 -1.61 -15.42 -25.35
C ARG B 89 -0.68 -14.23 -25.60
N ILE B 90 -1.14 -13.26 -26.37
CA ILE B 90 -0.34 -12.10 -26.70
C ILE B 90 -0.03 -11.25 -25.48
N PHE B 91 -1.03 -11.03 -24.63
CA PHE B 91 -0.81 -10.24 -23.43
C PHE B 91 0.22 -10.89 -22.52
N TYR B 92 0.05 -12.19 -22.32
CA TYR B 92 0.96 -12.95 -21.47
C TYR B 92 2.38 -12.68 -21.95
N ARG B 93 2.56 -12.80 -23.26
CA ARG B 93 3.84 -12.55 -23.90
C ARG B 93 4.35 -11.14 -23.58
N ASN B 94 3.49 -10.16 -23.83
CA ASN B 94 3.84 -8.76 -23.61
C ASN B 94 4.16 -8.49 -22.14
N ALA B 95 3.45 -9.11 -21.22
CA ALA B 95 3.71 -8.89 -19.79
C ALA B 95 5.12 -9.36 -19.46
N ILE B 96 5.47 -10.56 -19.91
CA ILE B 96 6.79 -11.09 -19.65
C ILE B 96 7.87 -10.21 -20.29
N ASN B 97 7.69 -9.89 -21.58
CA ASN B 97 8.64 -9.05 -22.30
C ASN B 97 8.88 -7.71 -21.61
N ILE B 98 7.83 -7.17 -21.01
CA ILE B 98 7.90 -5.88 -20.32
C ILE B 98 8.40 -6.04 -18.88
N GLY B 99 8.35 -7.26 -18.37
CA GLY B 99 8.84 -7.46 -17.01
C GLY B 99 7.76 -7.46 -15.95
N ILE B 100 6.57 -7.90 -16.31
CA ILE B 100 5.50 -7.94 -15.34
C ILE B 100 5.22 -9.37 -14.94
N PRO B 101 5.31 -9.68 -13.64
CA PRO B 101 5.07 -11.03 -13.07
C PRO B 101 3.60 -11.44 -13.26
N LEU B 102 3.34 -12.73 -13.45
CA LEU B 102 1.98 -13.21 -13.64
C LEU B 102 1.71 -14.47 -12.81
N LEU B 103 0.48 -14.59 -12.31
CA LEU B 103 0.08 -15.77 -11.54
C LEU B 103 -1.18 -16.33 -12.19
N LEU B 104 -1.29 -17.64 -12.21
CA LEU B 104 -2.44 -18.33 -12.82
C LEU B 104 -3.21 -19.14 -11.80
N GLY B 105 -4.52 -19.02 -11.82
CA GLY B 105 -5.33 -19.77 -10.89
C GLY B 105 -6.70 -19.16 -10.67
N LYS B 106 -7.53 -19.84 -9.86
CA LYS B 106 -8.87 -19.36 -9.56
C LYS B 106 -8.78 -18.07 -8.77
N THR B 107 -9.46 -17.03 -9.23
CA THR B 107 -9.43 -15.75 -8.54
C THR B 107 -10.76 -15.36 -7.88
N GLU B 108 -11.68 -16.31 -7.77
CA GLU B 108 -12.99 -16.04 -7.16
C GLU B 108 -12.90 -15.59 -5.71
N GLY B 109 -11.84 -16.02 -5.01
CA GLY B 109 -11.69 -15.65 -3.62
C GLY B 109 -11.07 -14.29 -3.38
N LEU B 110 -10.74 -13.58 -4.44
CA LEU B 110 -10.14 -12.26 -4.34
C LEU B 110 -11.16 -11.23 -4.83
N LYS B 111 -11.39 -10.21 -4.01
CA LYS B 111 -12.36 -9.19 -4.35
C LYS B 111 -11.72 -7.84 -4.47
N ASP B 112 -12.35 -6.94 -5.22
CA ASP B 112 -11.83 -5.59 -5.36
C ASP B 112 -11.65 -4.96 -3.99
N GLY B 113 -10.51 -4.33 -3.77
CA GLY B 113 -10.29 -3.70 -2.49
C GLY B 113 -9.58 -4.58 -1.49
N ASP B 114 -9.51 -5.90 -1.74
CA ASP B 114 -8.80 -6.77 -0.80
C ASP B 114 -7.33 -6.34 -0.74
N LEU B 115 -6.73 -6.51 0.42
CA LEU B 115 -5.31 -6.22 0.65
C LEU B 115 -4.65 -7.58 0.64
N VAL B 116 -3.61 -7.75 -0.17
CA VAL B 116 -2.93 -9.05 -0.24
C VAL B 116 -1.42 -8.90 -0.31
N THR B 117 -0.72 -9.92 0.13
CA THR B 117 0.74 -9.90 0.04
C THR B 117 1.01 -11.06 -0.91
N VAL B 118 1.62 -10.75 -2.05
CA VAL B 118 1.87 -11.77 -3.06
C VAL B 118 3.34 -12.13 -3.26
N ASN B 119 3.63 -13.43 -3.22
CA ASN B 119 4.97 -13.96 -3.48
C ASN B 119 4.90 -14.40 -4.95
N TRP B 120 5.44 -13.59 -5.85
CA TRP B 120 5.36 -13.90 -7.27
C TRP B 120 6.17 -15.12 -7.71
N GLU B 121 7.11 -15.55 -6.87
CA GLU B 121 7.94 -16.69 -7.20
C GLU B 121 7.26 -18.01 -6.84
N THR B 122 6.54 -18.05 -5.73
CA THR B 122 5.89 -19.28 -5.30
C THR B 122 4.41 -19.34 -5.65
N GLY B 123 3.85 -18.19 -6.01
CA GLY B 123 2.42 -18.14 -6.31
C GLY B 123 1.54 -18.06 -5.05
N GLU B 124 2.15 -17.87 -3.90
CA GLU B 124 1.40 -17.80 -2.64
C GLU B 124 0.83 -16.41 -2.42
N VAL B 125 -0.49 -16.34 -2.23
CA VAL B 125 -1.17 -15.07 -2.01
C VAL B 125 -1.81 -15.09 -0.63
N ARG B 126 -1.37 -14.19 0.24
CA ARG B 126 -1.89 -14.10 1.61
C ARG B 126 -2.98 -13.04 1.63
N LYS B 127 -4.15 -13.45 2.11
CA LYS B 127 -5.31 -12.58 2.22
C LYS B 127 -5.85 -12.86 3.63
N GLY B 128 -5.78 -11.87 4.51
CA GLY B 128 -6.25 -12.09 5.88
C GLY B 128 -5.44 -13.23 6.43
N ASP B 129 -6.09 -14.22 7.03
CA ASP B 129 -5.34 -15.34 7.59
C ASP B 129 -5.32 -16.52 6.63
N GLU B 130 -5.85 -16.33 5.42
CA GLU B 130 -5.87 -17.41 4.45
C GLU B 130 -4.78 -17.27 3.40
N ILE B 131 -4.49 -18.37 2.74
CA ILE B 131 -3.46 -18.39 1.71
C ILE B 131 -4.06 -19.01 0.48
N LEU B 132 -3.92 -18.32 -0.64
CA LEU B 132 -4.43 -18.81 -1.91
C LEU B 132 -3.21 -19.12 -2.74
N MET B 133 -3.21 -20.29 -3.38
CA MET B 133 -2.07 -20.70 -4.19
C MET B 133 -2.37 -20.52 -5.67
N PHE B 134 -1.37 -20.03 -6.40
CA PHE B 134 -1.51 -19.82 -7.83
C PHE B 134 -0.26 -20.39 -8.47
N GLU B 135 -0.32 -20.66 -9.77
CA GLU B 135 0.86 -21.17 -10.46
C GLU B 135 1.72 -19.99 -10.86
N PRO B 136 2.96 -19.92 -10.35
CA PRO B 136 3.82 -18.81 -10.71
C PRO B 136 4.50 -19.10 -12.04
N LEU B 137 5.22 -18.10 -12.53
CA LEU B 137 5.98 -18.22 -13.77
C LEU B 137 7.15 -19.15 -13.46
N GLU B 138 7.60 -19.92 -14.45
CA GLU B 138 8.74 -20.79 -14.20
C GLU B 138 9.98 -19.91 -14.06
N ASP B 139 11.02 -20.48 -13.46
CA ASP B 139 12.27 -19.78 -13.21
C ASP B 139 12.87 -18.99 -14.36
N PHE B 140 12.90 -19.58 -15.55
CA PHE B 140 13.44 -18.89 -16.73
C PHE B 140 12.68 -17.55 -16.94
N LEU B 141 11.35 -17.60 -16.81
CA LEU B 141 10.52 -16.40 -16.99
C LEU B 141 10.66 -15.43 -15.81
N LEU B 142 10.74 -15.93 -14.58
CA LEU B 142 10.94 -15.04 -13.44
C LEU B 142 12.26 -14.28 -13.65
N GLU B 143 13.24 -14.98 -14.19
CA GLU B 143 14.52 -14.34 -14.43
C GLU B 143 14.39 -13.17 -15.39
N ILE B 144 13.58 -13.31 -16.43
CA ILE B 144 13.39 -12.22 -17.39
C ILE B 144 12.71 -11.06 -16.69
N VAL B 145 11.72 -11.39 -15.87
CA VAL B 145 10.97 -10.35 -15.14
C VAL B 145 11.91 -9.67 -14.15
N ARG B 146 12.66 -10.48 -13.43
CA ARG B 146 13.58 -9.96 -12.43
C ARG B 146 14.52 -8.90 -13.04
N GLU B 147 15.01 -9.15 -14.27
CA GLU B 147 15.91 -8.19 -14.91
C GLU B 147 15.18 -6.98 -15.43
N GLY B 148 13.85 -7.05 -15.47
CA GLY B 148 13.08 -5.91 -15.94
C GLY B 148 12.57 -6.03 -17.36
N GLY B 149 12.41 -7.24 -17.86
CA GLY B 149 11.93 -7.38 -19.22
C GLY B 149 12.97 -8.04 -20.12
N ILE B 150 12.51 -8.59 -21.22
CA ILE B 150 13.42 -9.28 -22.11
C ILE B 150 14.52 -8.40 -22.69
N LEU B 151 14.21 -7.15 -23.02
CA LEU B 151 15.25 -6.28 -23.57
C LEU B 151 16.35 -6.05 -22.53
N GLU B 152 15.96 -5.69 -21.32
CA GLU B 152 16.94 -5.48 -20.25
C GLU B 152 17.74 -6.76 -20.02
N TYR B 153 17.04 -7.87 -20.09
CA TYR B 153 17.63 -9.19 -19.92
C TYR B 153 18.81 -9.41 -20.89
N ILE B 154 18.58 -9.17 -22.18
CA ILE B 154 19.65 -9.38 -23.14
C ILE B 154 20.65 -8.26 -23.18
N ARG B 155 20.27 -7.09 -22.67
CA ARG B 155 21.19 -5.96 -22.64
C ARG B 155 22.27 -6.25 -21.60
N ARG B 156 21.86 -6.65 -20.40
CA ARG B 156 22.77 -6.95 -19.30
C ARG B 156 23.64 -8.14 -19.68
N ARG B 157 23.02 -9.14 -20.30
CA ARG B 157 23.75 -10.33 -20.73
C ARG B 157 24.75 -10.02 -21.84
N GLY B 158 24.44 -9.03 -22.69
CA GLY B 158 25.35 -8.67 -23.77
C GLY B 158 24.90 -9.12 -25.16
N ASP B 159 23.85 -9.92 -25.22
CA ASP B 159 23.32 -10.43 -26.50
C ASP B 159 22.84 -9.31 -27.41
N LEU B 160 22.39 -8.23 -26.80
CA LEU B 160 21.91 -7.08 -27.55
C LEU B 160 23.03 -6.38 -28.32
N CYS B 161 24.24 -6.43 -27.78
CA CYS B 161 25.37 -5.77 -28.42
C CYS B 161 26.12 -6.72 -29.35
N ILE B 162 25.53 -6.99 -30.50
CA ILE B 162 26.09 -7.91 -31.48
C ILE B 162 27.39 -7.56 -32.20
N ARG B 163 27.51 -6.35 -32.73
CA ARG B 163 28.72 -5.97 -33.44
C ARG B 163 28.67 -6.52 -34.87
#